data_7JQV
#
_entry.id   7JQV
#
_cell.length_a   103.790
_cell.length_b   103.790
_cell.length_c   86.005
_cell.angle_alpha   90.000
_cell.angle_beta   90.000
_cell.angle_gamma   120.000
#
_symmetry.space_group_name_H-M   'P 31 2 1'
#
loop_
_entity.id
_entity.type
_entity.pdbx_description
1 polymer 'Kallikrein 4 (Prostase, enamel matrix, prostate), isoform CRA_a'
2 polymer 'Kunitz-type inihibitor'
3 non-polymer 'NONAETHYLENE GLYCOL'
4 non-polymer 'CHLORIDE ION'
5 water water
#
loop_
_entity_poly.entity_id
_entity_poly.type
_entity_poly.pdbx_seq_one_letter_code
_entity_poly.pdbx_strand_id
1 'polypeptide(L)'
;IINGEDCSPHSQPWQAALVMENELFCSGVLVHPQWVLSAAHCFQNSYTIGLGLHSLEADQEPGSQMVEASLSVRHPEYNR
PLLANDLMLIKLDESVSESDTIRSISIASQCPTAGNSCLVSGWGLLANGRMPTVLQCVNVSVVSEEVCSKLYDPLYHPSM
FCAGGGQDQKDSCNGDSGGPLICNGYLQGLVSFGKAPCGQVGVPGVYTNLCKFTEWIEKTVQA
;
E
2 'polypeptide(L)'
;GSSVVVDTNGQPVSNGADAYYLVPVSHGHAGLALAKIGNEAEPRAVVLDPHHRPGLPVRFESPLFINIIKESYFLNIKFG
PSSSDSGVWDVIQQDPIGLAVKVTDTKSLLGPFKVEKEGEGYKIVYYPERGQTGLDIGLVHRNDKYYLAVKDGEPCVFKI
RKATDE
;
I
#
loop_
_chem_comp.id
_chem_comp.type
_chem_comp.name
_chem_comp.formula
2PE non-polymer 'NONAETHYLENE GLYCOL' 'C18 H38 O10'
CL non-polymer 'CHLORIDE ION' 'Cl -1'
#
# COMPACT_ATOMS: atom_id res chain seq x y z
N ILE A 1 1.95 12.98 -1.31
CA ILE A 1 1.17 14.19 -0.72
C ILE A 1 0.45 14.93 -1.86
N ILE A 2 -0.89 14.99 -1.79
CA ILE A 2 -1.69 15.62 -2.84
C ILE A 2 -2.01 17.08 -2.43
N ASN A 3 -1.63 18.04 -3.31
CA ASN A 3 -2.02 19.45 -3.18
C ASN A 3 -1.33 20.13 -2.01
N GLY A 4 -0.16 19.62 -1.62
CA GLY A 4 0.62 20.30 -0.59
C GLY A 4 1.74 21.13 -1.20
N GLU A 5 2.83 21.40 -0.49
CA GLU A 5 3.92 22.11 -1.17
C GLU A 5 5.18 21.67 -0.46
N ASP A 6 6.36 22.07 -0.94
CA ASP A 6 7.63 21.78 -0.28
C ASP A 6 7.50 22.13 1.18
N CYS A 7 7.88 21.22 2.07
CA CYS A 7 7.96 21.68 3.45
C CYS A 7 9.07 22.72 3.51
N SER A 8 9.04 23.57 4.52
CA SER A 8 10.18 24.38 4.82
C SER A 8 11.31 23.43 5.25
N PRO A 9 12.54 23.54 4.66
CA PRO A 9 13.60 22.53 4.84
C PRO A 9 13.82 22.21 6.32
N HIS A 10 13.78 20.91 6.70
CA HIS A 10 14.17 20.48 8.04
C HIS A 10 13.17 20.95 9.09
N SER A 11 12.00 21.43 8.67
CA SER A 11 10.96 21.83 9.60
C SER A 11 10.28 20.58 10.21
N GLN A 12 10.55 19.35 9.70
CA GLN A 12 9.92 18.13 10.24
C GLN A 12 11.01 17.16 10.63
N PRO A 13 11.86 17.53 11.60
CA PRO A 13 13.12 16.83 11.81
C PRO A 13 12.97 15.41 12.38
N TRP A 14 11.73 15.01 12.72
CA TRP A 14 11.43 13.63 13.11
C TRP A 14 11.17 12.73 11.88
N GLN A 15 11.11 13.31 10.67
CA GLN A 15 10.74 12.49 9.50
C GLN A 15 11.85 11.48 9.19
N ALA A 16 11.49 10.19 8.94
CA ALA A 16 12.48 9.14 8.59
C ALA A 16 12.11 8.59 7.20
N ALA A 17 13.07 8.40 6.26
CA ALA A 17 12.80 7.83 4.95
C ALA A 17 13.15 6.34 5.07
N LEU A 18 12.24 5.41 4.74
CA LEU A 18 12.71 4.01 4.69
C LEU A 18 13.02 3.72 3.23
N VAL A 19 14.25 3.26 2.94
CA VAL A 19 14.53 3.15 1.50
C VAL A 19 15.03 1.74 1.21
N MET A 20 14.86 1.29 -0.03
CA MET A 20 15.12 -0.09 -0.39
C MET A 20 15.78 0.07 -1.74
N GLU A 21 17.06 -0.34 -1.77
CA GLU A 21 17.94 -0.14 -2.93
C GLU A 21 17.86 1.31 -3.39
N ASN A 22 17.95 2.21 -2.43
CA ASN A 22 18.08 3.62 -2.74
C ASN A 22 16.77 4.28 -3.19
N GLU A 23 15.64 3.55 -3.16
CA GLU A 23 14.35 4.14 -3.45
C GLU A 23 13.53 4.13 -2.17
N LEU A 24 12.80 5.24 -1.95
CA LEU A 24 11.90 5.34 -0.80
C LEU A 24 10.67 4.45 -1.04
N PHE A 25 10.24 3.68 -0.03
CA PHE A 25 8.97 3.02 -0.16
C PHE A 25 8.00 3.41 0.99
N CYS A 26 8.51 3.91 2.13
CA CYS A 26 7.67 4.35 3.24
C CYS A 26 8.38 5.47 4.02
N SER A 27 7.67 6.18 4.92
CA SER A 27 8.42 6.96 5.92
C SER A 27 8.26 6.31 7.29
N GLY A 28 8.79 7.01 8.28
CA GLY A 28 8.70 6.62 9.67
C GLY A 28 8.86 7.90 10.46
N VAL A 29 8.80 7.79 11.76
CA VAL A 29 8.85 8.98 12.60
C VAL A 29 9.77 8.63 13.77
N LEU A 30 10.81 9.42 13.99
CA LEU A 30 11.70 9.25 15.11
C LEU A 30 10.97 9.65 16.43
N VAL A 31 10.80 8.68 17.29
CA VAL A 31 10.06 8.97 18.51
C VAL A 31 11.01 8.80 19.71
N HIS A 32 12.20 8.24 19.47
CA HIS A 32 13.23 8.17 20.49
C HIS A 32 14.56 8.09 19.75
N PRO A 33 15.70 8.44 20.39
CA PRO A 33 16.98 8.45 19.68
C PRO A 33 17.35 7.11 19.06
N GLN A 34 16.73 6.02 19.54
CA GLN A 34 17.06 4.75 18.89
C GLN A 34 15.82 4.04 18.30
N TRP A 35 14.69 4.76 18.10
CA TRP A 35 13.49 4.04 17.64
C TRP A 35 12.75 4.92 16.64
N VAL A 36 12.38 4.32 15.50
CA VAL A 36 11.48 4.92 14.53
C VAL A 36 10.16 4.16 14.50
N LEU A 37 9.04 4.89 14.58
CA LEU A 37 7.69 4.37 14.46
C LEU A 37 7.26 4.48 12.98
N SER A 38 6.69 3.42 12.42
CA SER A 38 6.20 3.34 11.04
C SER A 38 4.94 2.49 11.01
N ALA A 39 4.30 2.41 9.82
CA ALA A 39 3.17 1.52 9.63
C ALA A 39 3.67 0.07 9.64
N ALA A 40 2.93 -0.81 10.34
CA ALA A 40 3.24 -2.24 10.31
C ALA A 40 3.27 -2.72 8.86
N HIS A 41 2.46 -2.16 7.94
CA HIS A 41 2.48 -2.69 6.57
C HIS A 41 3.78 -2.44 5.81
N CYS A 42 4.65 -1.55 6.39
CA CYS A 42 5.92 -1.28 5.75
C CYS A 42 7.01 -2.28 6.24
N PHE A 43 6.63 -3.26 7.06
CA PHE A 43 7.64 -4.19 7.63
C PHE A 43 8.55 -4.78 6.57
N GLN A 44 9.84 -4.81 6.91
CA GLN A 44 10.85 -5.57 6.20
C GLN A 44 11.80 -6.19 7.23
N ASN A 45 12.53 -7.26 6.82
CA ASN A 45 13.44 -7.95 7.73
C ASN A 45 14.61 -7.06 8.06
N SER A 46 14.98 -6.12 7.18
CA SER A 46 15.86 -5.05 7.68
C SER A 46 15.65 -3.72 6.92
N TYR A 47 16.30 -2.62 7.36
CA TYR A 47 15.97 -1.27 6.88
C TYR A 47 17.29 -0.52 6.65
N THR A 48 17.25 0.39 5.69
CA THR A 48 18.12 1.58 5.59
C THR A 48 17.22 2.79 5.78
N ILE A 49 17.54 3.54 6.83
CA ILE A 49 16.73 4.69 7.19
C ILE A 49 17.47 6.02 7.00
N GLY A 50 16.78 6.98 6.37
CA GLY A 50 17.32 8.30 6.16
C GLY A 50 16.71 9.35 7.10
N LEU A 51 17.58 9.99 7.90
CA LEU A 51 17.19 10.99 8.92
C LEU A 51 17.87 12.32 8.55
N GLY A 52 17.21 13.45 8.74
CA GLY A 52 17.85 14.72 8.46
C GLY A 52 17.68 15.11 7.00
N LEU A 53 16.78 14.43 6.26
CA LEU A 53 16.72 14.61 4.82
C LEU A 53 15.78 15.74 4.47
N HIS A 54 15.87 16.21 3.20
CA HIS A 54 14.84 17.08 2.68
C HIS A 54 14.57 16.61 1.27
N SER A 55 15.56 16.80 0.39
CA SER A 55 15.60 15.91 -0.78
C SER A 55 16.03 14.53 -0.27
N LEU A 56 15.86 13.52 -1.12
CA LEU A 56 16.28 12.20 -0.68
C LEU A 56 17.75 11.92 -0.97
N GLU A 57 18.56 12.93 -1.32
CA GLU A 57 19.95 12.60 -1.58
C GLU A 57 20.81 13.01 -0.42
N ALA A 58 21.28 11.99 0.34
CA ALA A 58 21.99 12.29 1.59
C ALA A 58 23.27 13.11 1.33
N ASP A 59 23.94 12.83 0.18
CA ASP A 59 25.20 13.50 -0.21
C ASP A 59 24.99 15.01 -0.39
N GLN A 60 23.71 15.48 -0.45
CA GLN A 60 23.33 16.89 -0.63
C GLN A 60 22.65 17.45 0.62
N GLU A 61 22.68 16.71 1.73
CA GLU A 61 22.01 17.20 2.92
C GLU A 61 22.94 17.21 4.12
N PRO A 62 23.67 18.33 4.42
CA PRO A 62 24.45 18.44 5.64
C PRO A 62 23.67 18.07 6.90
N GLY A 63 24.25 17.33 7.83
CA GLY A 63 23.49 17.02 9.06
C GLY A 63 22.69 15.69 8.93
N SER A 64 22.55 15.12 7.73
CA SER A 64 21.71 13.93 7.52
C SER A 64 22.47 12.67 7.90
N GLN A 65 21.74 11.58 8.15
CA GLN A 65 22.40 10.31 8.40
C GLN A 65 21.56 9.21 7.76
N MET A 66 22.26 8.21 7.22
CA MET A 66 21.66 7.02 6.60
C MET A 66 22.03 5.92 7.56
N VAL A 67 21.06 5.30 8.25
CA VAL A 67 21.38 4.41 9.38
C VAL A 67 20.75 3.04 9.13
N GLU A 68 21.33 1.99 9.72
CA GLU A 68 20.83 0.64 9.54
C GLU A 68 20.04 0.22 10.78
N ALA A 69 19.03 -0.64 10.50
CA ALA A 69 18.25 -1.26 11.57
C ALA A 69 17.88 -2.70 11.16
N SER A 70 17.93 -3.64 12.10
CA SER A 70 17.55 -5.01 11.76
C SER A 70 16.30 -5.41 12.54
N LEU A 71 16.16 -4.88 13.77
CA LEU A 71 15.05 -5.28 14.63
C LEU A 71 13.82 -4.35 14.41
N SER A 72 12.65 -4.95 14.17
CA SER A 72 11.41 -4.21 14.25
C SER A 72 10.34 -5.11 14.84
N VAL A 73 9.41 -4.51 15.57
CA VAL A 73 8.29 -5.21 16.21
C VAL A 73 6.98 -4.63 15.64
N ARG A 74 6.20 -5.40 14.86
CA ARG A 74 4.79 -5.06 14.63
C ARG A 74 3.92 -5.20 15.86
N HIS A 75 2.92 -4.31 16.02
CA HIS A 75 1.91 -4.44 17.07
C HIS A 75 1.28 -5.84 17.00
N PRO A 76 1.11 -6.55 18.15
CA PRO A 76 0.67 -7.97 18.13
C PRO A 76 -0.72 -8.17 17.52
N GLU A 77 -1.53 -7.11 17.39
CA GLU A 77 -2.87 -7.25 16.81
C GLU A 77 -2.96 -6.64 15.40
N TYR A 78 -1.79 -6.26 14.85
CA TYR A 78 -1.74 -5.82 13.44
C TYR A 78 -2.61 -6.70 12.55
N ASN A 79 -3.54 -6.04 11.83
CA ASN A 79 -4.30 -6.68 10.78
C ASN A 79 -5.34 -7.67 11.33
N ARG A 80 -5.62 -7.57 12.62
CA ARG A 80 -6.86 -8.16 13.11
C ARG A 80 -7.66 -7.16 13.93
N PRO A 81 -8.75 -6.54 13.40
CA PRO A 81 -9.27 -6.81 12.04
C PRO A 81 -8.39 -6.28 10.88
N LEU A 82 -8.74 -6.67 9.64
CA LEU A 82 -7.84 -6.35 8.50
C LEU A 82 -7.64 -4.83 8.52
N LEU A 83 -6.40 -4.40 8.25
CA LEU A 83 -5.95 -3.01 8.18
C LEU A 83 -5.79 -2.34 9.53
N ALA A 84 -6.23 -2.98 10.64
CA ALA A 84 -6.26 -2.28 11.92
C ALA A 84 -4.92 -2.32 12.61
N ASN A 85 -4.78 -1.59 13.76
CA ASN A 85 -3.55 -1.70 14.54
C ASN A 85 -2.25 -1.61 13.71
N ASP A 86 -2.21 -0.65 12.79
CA ASP A 86 -1.16 -0.53 11.79
C ASP A 86 0.00 0.33 12.31
N LEU A 87 0.84 -0.27 13.16
CA LEU A 87 2.06 0.40 13.62
C LEU A 87 3.07 -0.68 13.99
N MET A 88 4.35 -0.28 13.93
CA MET A 88 5.48 -1.10 14.29
C MET A 88 6.58 -0.14 14.77
N LEU A 89 7.53 -0.67 15.51
CA LEU A 89 8.64 0.10 16.06
C LEU A 89 9.91 -0.51 15.55
N ILE A 90 10.78 0.33 14.94
CA ILE A 90 12.03 -0.10 14.35
C ILE A 90 13.14 0.30 15.32
N LYS A 91 14.01 -0.67 15.67
CA LYS A 91 15.09 -0.31 16.59
C LYS A 91 16.35 -0.01 15.77
N LEU A 92 16.88 1.24 15.85
CA LEU A 92 18.11 1.55 15.09
C LEU A 92 19.27 0.78 15.71
N ASP A 93 20.20 0.30 14.87
CA ASP A 93 21.34 -0.45 15.38
C ASP A 93 22.13 0.45 16.33
N GLU A 94 22.16 1.76 16.15
CA GLU A 94 22.67 2.57 17.26
C GLU A 94 21.88 3.86 17.48
N SER A 95 21.92 4.49 18.67
CA SER A 95 21.10 5.67 18.89
C SER A 95 21.69 6.84 18.12
N VAL A 96 20.89 7.83 17.73
CA VAL A 96 21.43 8.92 16.94
C VAL A 96 21.55 10.08 17.90
N SER A 97 22.55 10.95 17.66
CA SER A 97 22.59 12.21 18.39
C SER A 97 21.58 13.13 17.76
N GLU A 98 20.75 13.75 18.58
CA GLU A 98 19.72 14.66 18.10
CA GLU A 98 19.76 14.64 18.01
C GLU A 98 20.36 16.01 17.76
N SER A 99 19.77 16.72 16.81
CA SER A 99 20.34 18.02 16.47
C SER A 99 19.14 18.87 16.09
N ASP A 100 19.37 19.95 15.34
CA ASP A 100 18.20 20.65 14.88
C ASP A 100 17.60 20.04 13.59
N THR A 101 18.28 19.10 12.89
CA THR A 101 17.63 18.50 11.70
C THR A 101 17.20 17.03 11.93
N ILE A 102 17.67 16.45 13.02
CA ILE A 102 17.27 15.09 13.45
C ILE A 102 16.83 15.12 14.91
N ARG A 103 15.50 15.01 15.19
CA ARG A 103 14.97 15.17 16.57
C ARG A 103 13.73 14.30 16.70
N SER A 104 13.49 13.73 17.87
CA SER A 104 12.25 12.97 17.97
C SER A 104 11.07 13.85 18.38
N ILE A 105 9.86 13.33 18.23
CA ILE A 105 8.64 14.09 18.45
C ILE A 105 7.89 13.30 19.52
N SER A 106 7.16 14.00 20.40
CA SER A 106 6.26 13.42 21.39
C SER A 106 4.95 13.00 20.71
N ILE A 107 4.44 11.83 21.21
CA ILE A 107 3.16 11.23 20.80
C ILE A 107 2.01 11.82 21.62
N ALA A 108 0.93 12.27 20.94
CA ALA A 108 -0.27 12.76 21.59
C ALA A 108 -0.79 11.69 22.55
N SER A 109 -1.22 12.10 23.76
CA SER A 109 -1.85 11.16 24.68
C SER A 109 -3.38 11.32 24.53
N GLN A 110 -3.86 12.51 24.13
CA GLN A 110 -5.28 12.62 23.87
C GLN A 110 -5.60 12.16 22.44
N CYS A 111 -6.84 11.70 22.22
CA CYS A 111 -7.31 11.18 20.92
C CYS A 111 -7.66 12.34 20.00
N PRO A 112 -7.79 12.15 18.65
CA PRO A 112 -7.94 13.29 17.74
C PRO A 112 -9.28 13.98 18.05
N THR A 113 -9.34 15.25 17.75
CA THR A 113 -10.55 16.07 17.89
C THR A 113 -11.10 16.35 16.51
N ALA A 114 -12.35 15.93 16.27
CA ALA A 114 -13.01 16.09 14.99
C ALA A 114 -12.88 17.53 14.54
N GLY A 115 -12.53 17.80 13.28
CA GLY A 115 -12.53 19.19 12.87
C GLY A 115 -11.17 19.87 12.93
N ASN A 116 -10.24 19.37 13.78
CA ASN A 116 -8.94 20.05 13.97
C ASN A 116 -8.05 19.88 12.73
N SER A 117 -7.38 20.96 12.31
CA SER A 117 -6.46 21.01 11.17
C SER A 117 -5.09 20.49 11.62
N CYS A 118 -4.53 19.56 10.85
CA CYS A 118 -3.26 18.93 11.27
C CYS A 118 -2.37 18.92 10.02
N LEU A 119 -1.11 18.49 10.17
CA LEU A 119 -0.22 18.50 9.03
CA LEU A 119 -0.09 18.53 9.12
C LEU A 119 0.28 17.08 8.81
N VAL A 120 0.41 16.72 7.51
CA VAL A 120 1.00 15.45 7.08
CA VAL A 120 1.03 15.45 7.14
C VAL A 120 2.18 15.74 6.18
N SER A 121 3.31 15.01 6.34
CA SER A 121 4.45 15.22 5.46
C SER A 121 4.91 13.89 4.85
N GLY A 122 5.45 13.94 3.63
CA GLY A 122 5.90 12.68 3.01
C GLY A 122 6.45 12.98 1.62
N TRP A 123 7.10 11.98 1.03
CA TRP A 123 7.72 12.02 -0.29
C TRP A 123 6.88 11.17 -1.25
N GLY A 124 5.61 10.81 -0.92
CA GLY A 124 4.85 10.02 -1.91
C GLY A 124 4.31 10.86 -3.10
N LEU A 125 3.42 10.28 -3.93
CA LEU A 125 3.03 10.84 -5.21
C LEU A 125 2.33 12.16 -5.01
N LEU A 126 2.57 13.06 -5.97
CA LEU A 126 1.87 14.34 -6.10
C LEU A 126 0.59 14.18 -6.95
N ALA A 127 -0.23 15.25 -7.05
CA ALA A 127 -1.46 15.22 -7.84
C ALA A 127 -1.18 14.79 -9.28
N ASN A 128 -0.03 15.15 -9.85
CA ASN A 128 0.25 14.78 -11.23
C ASN A 128 0.87 13.41 -11.34
N GLY A 129 0.99 12.63 -10.27
CA GLY A 129 1.41 11.26 -10.53
C GLY A 129 2.92 11.06 -10.47
N ARG A 130 3.68 12.14 -10.26
CA ARG A 130 5.12 11.96 -10.12
C ARG A 130 5.51 12.04 -8.63
N MET A 131 6.75 11.66 -8.30
CA MET A 131 7.35 11.73 -6.99
C MET A 131 7.98 13.09 -6.78
N PRO A 132 7.87 13.77 -5.62
CA PRO A 132 8.50 15.08 -5.46
C PRO A 132 10.00 14.93 -5.23
N THR A 133 10.77 16.01 -5.42
CA THR A 133 12.19 15.87 -5.16
C THR A 133 12.50 16.21 -3.69
N VAL A 134 11.62 17.01 -3.04
CA VAL A 134 11.84 17.31 -1.63
C VAL A 134 10.61 16.92 -0.80
N LEU A 135 10.77 16.83 0.54
CA LEU A 135 9.67 16.49 1.44
C LEU A 135 8.49 17.48 1.27
N GLN A 136 7.25 16.98 1.05
CA GLN A 136 5.99 17.73 0.89
C GLN A 136 5.23 17.78 2.24
N CYS A 137 4.56 18.90 2.53
CA CYS A 137 3.76 19.20 3.74
C CYS A 137 2.36 19.62 3.25
N VAL A 138 1.28 19.24 3.95
CA VAL A 138 -0.10 19.57 3.57
C VAL A 138 -0.87 19.59 4.87
N ASN A 139 -1.85 20.48 5.00
CA ASN A 139 -2.75 20.39 6.15
C ASN A 139 -3.97 19.53 5.78
N VAL A 140 -4.44 18.72 6.72
CA VAL A 140 -5.71 18.01 6.50
C VAL A 140 -6.49 18.06 7.84
N SER A 141 -7.83 18.01 7.78
CA SER A 141 -8.56 18.12 9.03
C SER A 141 -9.17 16.76 9.42
N VAL A 142 -9.12 16.52 10.73
CA VAL A 142 -9.71 15.35 11.34
C VAL A 142 -11.21 15.35 11.07
N VAL A 143 -11.64 14.22 10.56
CA VAL A 143 -13.05 13.94 10.34
C VAL A 143 -13.67 13.26 11.58
N SER A 144 -14.96 13.45 11.82
CA SER A 144 -15.55 12.80 13.00
C SER A 144 -15.66 11.29 12.80
N GLU A 145 -15.68 10.56 13.92
CA GLU A 145 -15.71 9.12 14.04
C GLU A 145 -16.98 8.60 13.36
N GLU A 146 -18.03 9.43 13.42
CA GLU A 146 -19.31 9.14 12.76
C GLU A 146 -19.12 9.15 11.27
N VAL A 147 -18.39 10.14 10.72
CA VAL A 147 -18.24 10.16 9.28
C VAL A 147 -17.28 9.03 8.85
N CYS A 148 -16.21 8.86 9.62
CA CYS A 148 -15.22 7.87 9.30
C CYS A 148 -15.88 6.47 9.25
N SER A 149 -16.65 6.09 10.25
CA SER A 149 -17.24 4.73 10.29
C SER A 149 -18.26 4.65 9.18
N LYS A 150 -18.93 5.79 8.89
CA LYS A 150 -19.93 5.71 7.86
C LYS A 150 -19.26 5.34 6.56
N LEU A 151 -18.13 5.99 6.24
CA LEU A 151 -17.51 5.74 4.94
C LEU A 151 -16.72 4.41 4.95
N TYR A 152 -16.20 3.98 6.11
CA TYR A 152 -15.24 2.86 6.01
C TYR A 152 -15.76 1.57 6.66
N ASP A 153 -16.80 1.60 7.52
CA ASP A 153 -17.33 0.31 8.02
C ASP A 153 -17.57 -0.63 6.85
N PRO A 154 -17.31 -1.96 6.92
CA PRO A 154 -17.00 -2.63 8.18
C PRO A 154 -15.53 -2.69 8.59
N LEU A 155 -14.68 -1.88 7.93
CA LEU A 155 -13.24 -1.91 8.17
C LEU A 155 -12.78 -0.74 9.08
N TYR A 156 -13.69 0.15 9.46
CA TYR A 156 -13.37 1.16 10.49
C TYR A 156 -13.18 0.48 11.86
N HIS A 157 -12.03 0.75 12.48
CA HIS A 157 -11.72 0.30 13.83
C HIS A 157 -11.08 1.48 14.63
N PRO A 158 -11.27 1.59 15.96
CA PRO A 158 -10.82 2.80 16.68
C PRO A 158 -9.30 2.91 16.77
N SER A 159 -8.53 1.90 16.31
CA SER A 159 -7.11 2.04 16.03
C SER A 159 -6.84 2.91 14.76
N MET A 160 -7.87 3.52 14.14
CA MET A 160 -7.74 4.38 12.96
C MET A 160 -8.53 5.66 13.22
N PHE A 161 -8.19 6.76 12.52
CA PHE A 161 -9.10 7.89 12.40
C PHE A 161 -8.93 8.45 11.01
N CYS A 162 -9.95 9.17 10.52
CA CYS A 162 -9.95 9.71 9.18
C CYS A 162 -9.55 11.19 9.28
N ALA A 163 -8.85 11.69 8.26
CA ALA A 163 -8.59 13.12 8.10
C ALA A 163 -8.55 13.41 6.59
N GLY A 164 -9.00 14.62 6.22
CA GLY A 164 -8.95 15.11 4.84
C GLY A 164 -10.31 14.91 4.19
N GLY A 165 -10.34 14.60 2.90
CA GLY A 165 -11.58 14.49 2.18
C GLY A 165 -12.20 15.84 1.87
N GLY A 166 -11.47 16.95 2.02
CA GLY A 166 -12.11 18.26 1.78
C GLY A 166 -12.23 18.60 0.27
N GLN A 167 -12.97 19.68 -0.01
CA GLN A 167 -13.09 20.30 -1.33
C GLN A 167 -11.68 20.66 -1.83
N ASP A 168 -10.77 21.06 -0.92
CA ASP A 168 -9.39 21.39 -1.30
C ASP A 168 -8.63 20.16 -1.83
N GLN A 169 -9.16 18.94 -1.72
CA GLN A 169 -8.46 17.78 -2.27
C GLN A 169 -7.05 17.57 -1.71
N LYS A 170 -6.78 18.09 -0.49
CA LYS A 170 -5.48 17.83 0.12
C LYS A 170 -5.50 16.43 0.78
N ASP A 171 -4.49 15.60 0.53
CA ASP A 171 -4.53 14.22 1.04
C ASP A 171 -3.13 13.64 1.04
N SER A 172 -2.98 12.45 1.66
CA SER A 172 -1.79 11.63 1.45
C SER A 172 -1.89 10.87 0.12
N CYS A 173 -0.80 10.18 -0.27
CA CYS A 173 -0.94 9.35 -1.48
C CYS A 173 0.14 8.27 -1.38
N ASN A 174 0.33 7.45 -2.45
CA ASN A 174 1.25 6.29 -2.33
C ASN A 174 2.70 6.69 -2.10
N GLY A 175 3.36 6.06 -1.12
CA GLY A 175 4.70 6.50 -0.74
C GLY A 175 4.68 7.32 0.58
N ASP A 176 3.47 7.81 0.99
CA ASP A 176 3.36 8.56 2.25
C ASP A 176 3.20 7.64 3.46
N SER A 177 2.85 6.35 3.25
CA SER A 177 2.59 5.39 4.30
CA SER A 177 2.50 5.53 4.39
C SER A 177 3.66 5.50 5.40
N GLY A 178 3.28 5.48 6.69
CA GLY A 178 4.25 5.34 7.76
C GLY A 178 4.65 6.72 8.27
N GLY A 179 4.44 7.78 7.47
CA GLY A 179 4.91 9.09 7.93
C GLY A 179 3.93 9.78 8.89
N PRO A 180 4.28 10.98 9.41
CA PRO A 180 3.51 11.59 10.51
C PRO A 180 2.30 12.44 10.08
N LEU A 181 1.25 12.38 10.94
CA LEU A 181 0.16 13.34 11.00
C LEU A 181 0.36 14.04 12.35
N ILE A 182 0.60 15.37 12.31
CA ILE A 182 0.94 16.13 13.53
C ILE A 182 -0.29 16.98 13.87
N CYS A 183 -0.79 16.91 15.13
CA CYS A 183 -1.89 17.81 15.52
C CYS A 183 -1.44 18.64 16.75
N ASN A 184 -1.53 19.97 16.67
CA ASN A 184 -1.37 20.82 17.86
C ASN A 184 -0.02 20.59 18.54
N GLY A 185 1.05 20.36 17.74
CA GLY A 185 2.38 20.07 18.29
C GLY A 185 2.76 18.62 18.53
N TYR A 186 1.83 17.64 18.37
CA TYR A 186 2.27 16.30 18.72
C TYR A 186 1.94 15.35 17.55
N LEU A 187 2.63 14.21 17.59
CA LEU A 187 2.39 13.12 16.66
C LEU A 187 1.05 12.46 17.04
N GLN A 188 0.05 12.66 16.20
CA GLN A 188 -1.30 12.12 16.41
C GLN A 188 -1.51 10.82 15.60
N GLY A 189 -0.96 10.79 14.40
CA GLY A 189 -1.21 9.63 13.53
C GLY A 189 -0.03 9.21 12.65
N LEU A 190 -0.16 8.03 11.99
CA LEU A 190 0.70 7.57 10.91
C LEU A 190 -0.17 7.38 9.65
N VAL A 191 0.34 7.80 8.49
CA VAL A 191 -0.36 7.56 7.22
C VAL A 191 -0.58 6.05 7.06
N SER A 192 -1.81 5.64 6.72
CA SER A 192 -2.05 4.19 6.72
C SER A 192 -2.68 3.74 5.38
N PHE A 193 -3.92 4.19 5.09
CA PHE A 193 -4.64 3.68 3.94
C PHE A 193 -5.81 4.59 3.53
N GLY A 194 -6.30 4.44 2.29
CA GLY A 194 -7.51 5.17 1.88
C GLY A 194 -8.16 4.48 0.68
N LYS A 195 -9.32 4.96 0.21
CA LYS A 195 -9.83 4.42 -1.07
C LYS A 195 -9.30 5.26 -2.24
N ALA A 196 -8.72 4.58 -3.26
CA ALA A 196 -8.13 5.15 -4.47
C ALA A 196 -9.17 5.86 -5.33
N PRO A 197 -8.81 6.85 -6.16
CA PRO A 197 -7.49 7.47 -6.12
C PRO A 197 -7.46 8.55 -5.02
N CYS A 198 -6.31 9.21 -4.90
CA CYS A 198 -6.03 10.01 -3.72
C CYS A 198 -6.68 11.35 -3.96
N GLY A 199 -7.05 12.10 -2.91
CA GLY A 199 -7.44 13.48 -3.13
C GLY A 199 -8.82 13.60 -3.77
N GLN A 200 -9.68 12.60 -3.49
CA GLN A 200 -11.09 12.67 -3.88
C GLN A 200 -11.84 13.56 -2.89
N VAL A 201 -12.69 14.46 -3.43
CA VAL A 201 -13.59 15.23 -2.59
C VAL A 201 -14.41 14.22 -1.79
N GLY A 202 -14.55 14.50 -0.49
CA GLY A 202 -15.39 13.74 0.42
C GLY A 202 -14.89 12.34 0.79
N VAL A 203 -13.72 11.92 0.28
CA VAL A 203 -13.15 10.66 0.73
C VAL A 203 -11.88 10.92 1.60
N PRO A 204 -11.94 10.94 2.95
CA PRO A 204 -10.70 11.14 3.75
C PRO A 204 -9.77 9.91 3.68
N GLY A 205 -8.47 10.12 3.90
CA GLY A 205 -7.52 9.05 4.17
C GLY A 205 -7.68 8.59 5.63
N VAL A 206 -7.03 7.48 5.97
CA VAL A 206 -7.11 6.84 7.25
C VAL A 206 -5.69 6.74 7.83
N TYR A 207 -5.53 7.00 9.14
CA TYR A 207 -4.23 7.16 9.76
C TYR A 207 -4.30 6.28 11.03
N THR A 208 -3.16 5.75 11.49
CA THR A 208 -3.13 4.93 12.69
C THR A 208 -3.37 5.87 13.86
N ASN A 209 -4.26 5.46 14.77
CA ASN A 209 -4.69 6.29 15.87
C ASN A 209 -3.75 6.10 17.05
N LEU A 210 -2.63 6.82 17.05
CA LEU A 210 -1.54 6.52 17.98
C LEU A 210 -1.92 6.73 19.45
N CYS A 211 -2.86 7.65 19.74
CA CYS A 211 -3.32 7.85 21.12
C CYS A 211 -3.76 6.52 21.75
N LYS A 212 -4.05 5.47 20.96
CA LYS A 212 -4.42 4.18 21.53
C LYS A 212 -3.19 3.35 21.90
N PHE A 213 -1.94 3.72 21.55
CA PHE A 213 -0.87 2.75 21.57
C PHE A 213 0.28 3.23 22.46
N THR A 214 0.05 4.33 23.19
CA THR A 214 1.15 5.02 23.86
C THR A 214 1.76 4.09 24.89
N GLU A 215 0.95 3.25 25.51
CA GLU A 215 1.44 2.33 26.51
C GLU A 215 2.31 1.22 25.89
N TRP A 216 1.81 0.49 24.87
CA TRP A 216 2.58 -0.52 24.10
C TRP A 216 3.86 0.09 23.54
N ILE A 217 3.78 1.36 23.14
CA ILE A 217 4.95 1.94 22.45
C ILE A 217 6.07 2.12 23.47
N GLU A 218 5.72 2.72 24.62
CA GLU A 218 6.56 2.97 25.79
C GLU A 218 7.14 1.66 26.35
N LYS A 219 6.29 0.66 26.51
CA LYS A 219 6.71 -0.60 27.04
C LYS A 219 7.67 -1.22 26.05
N THR A 220 7.35 -1.08 24.76
CA THR A 220 8.18 -1.81 23.81
C THR A 220 9.55 -1.15 23.80
N VAL A 221 9.55 0.19 23.92
CA VAL A 221 10.79 0.94 23.76
C VAL A 221 11.62 0.63 25.01
N GLN A 222 10.98 0.41 26.16
CA GLN A 222 11.71 0.22 27.40
C GLN A 222 12.16 -1.24 27.59
N ALA A 223 11.63 -2.20 26.84
CA ALA A 223 11.96 -3.61 27.01
C ALA A 223 13.07 -4.00 26.05
N GLY B 1 5.71 -14.06 2.61
CA GLY B 1 4.82 -12.98 3.05
C GLY B 1 5.43 -11.57 2.90
N SER B 2 6.49 -11.23 3.67
CA SER B 2 7.05 -9.87 3.67
C SER B 2 7.90 -9.61 2.42
N SER B 3 7.86 -10.60 1.54
CA SER B 3 8.53 -10.53 0.26
C SER B 3 7.75 -9.54 -0.58
N VAL B 4 8.52 -8.69 -1.27
CA VAL B 4 8.04 -7.69 -2.20
C VAL B 4 7.87 -8.41 -3.56
N VAL B 5 6.74 -8.21 -4.23
CA VAL B 5 6.56 -8.71 -5.57
C VAL B 5 7.41 -7.90 -6.57
N VAL B 6 8.23 -8.59 -7.40
CA VAL B 6 9.07 -7.90 -8.40
C VAL B 6 8.68 -8.28 -9.84
N ASP B 7 8.98 -7.37 -10.80
CA ASP B 7 8.71 -7.58 -12.21
C ASP B 7 9.83 -8.39 -12.85
N THR B 8 9.77 -8.55 -14.18
CA THR B 8 10.84 -9.33 -14.83
C THR B 8 12.15 -8.53 -14.91
N ASN B 9 12.17 -7.23 -14.63
CA ASN B 9 13.47 -6.60 -14.51
C ASN B 9 13.92 -6.60 -13.05
N GLY B 10 13.25 -7.33 -12.17
CA GLY B 10 13.69 -7.30 -10.77
C GLY B 10 13.21 -6.05 -9.97
N GLN B 11 12.40 -5.14 -10.53
CA GLN B 11 11.99 -3.97 -9.75
C GLN B 11 10.66 -4.26 -9.05
N PRO B 12 10.39 -3.64 -7.86
CA PRO B 12 9.11 -3.77 -7.19
C PRO B 12 7.95 -3.44 -8.12
N VAL B 13 6.90 -4.30 -8.04
CA VAL B 13 5.69 -4.01 -8.79
C VAL B 13 4.98 -2.85 -8.07
N SER B 14 4.48 -1.83 -8.79
CA SER B 14 3.90 -0.67 -8.12
C SER B 14 2.43 -0.92 -7.76
N ASN B 15 1.94 -0.13 -6.81
CA ASN B 15 0.60 -0.24 -6.28
C ASN B 15 -0.26 0.63 -7.15
N GLY B 16 -0.77 0.06 -8.23
CA GLY B 16 -1.84 0.71 -8.96
C GLY B 16 -1.29 1.62 -10.08
N ALA B 17 -0.06 2.17 -9.94
CA ALA B 17 0.47 3.25 -10.78
C ALA B 17 0.89 2.74 -12.16
N ASP B 18 1.35 1.49 -12.23
CA ASP B 18 1.79 0.95 -13.52
C ASP B 18 0.99 -0.29 -13.88
N ALA B 19 0.96 -0.59 -15.18
CA ALA B 19 0.32 -1.79 -15.67
C ALA B 19 1.38 -2.84 -15.99
N TYR B 20 1.00 -4.12 -16.01
CA TYR B 20 1.94 -5.23 -16.11
C TYR B 20 1.25 -6.38 -16.85
N TYR B 21 2.04 -7.18 -17.60
CA TYR B 21 1.49 -8.38 -18.21
C TYR B 21 1.76 -9.53 -17.26
N LEU B 22 0.74 -10.36 -17.10
CA LEU B 22 0.98 -11.64 -16.43
C LEU B 22 1.34 -12.62 -17.53
N VAL B 23 2.63 -12.94 -17.61
CA VAL B 23 3.18 -13.81 -18.65
C VAL B 23 3.32 -15.22 -18.12
N PRO B 24 2.59 -16.21 -18.68
CA PRO B 24 2.70 -17.60 -18.18
C PRO B 24 4.12 -18.14 -18.37
N VAL B 25 4.76 -18.70 -17.31
CA VAL B 25 6.11 -19.20 -17.46
C VAL B 25 6.12 -20.50 -18.27
N SER B 26 5.06 -21.30 -18.28
CA SER B 26 5.17 -22.44 -19.17
C SER B 26 4.28 -22.30 -20.40
N HIS B 27 3.66 -21.14 -20.57
CA HIS B 27 2.88 -20.94 -21.80
C HIS B 27 3.14 -19.51 -22.27
N GLY B 28 4.41 -19.13 -22.44
CA GLY B 28 4.76 -17.81 -22.94
C GLY B 28 4.10 -17.40 -24.28
N HIS B 29 3.61 -18.37 -25.07
CA HIS B 29 2.84 -18.07 -26.31
C HIS B 29 1.43 -17.47 -26.07
N ALA B 30 0.84 -17.63 -24.87
CA ALA B 30 -0.55 -17.30 -24.60
C ALA B 30 -0.58 -16.05 -23.70
N GLY B 31 -1.68 -15.32 -23.76
CA GLY B 31 -1.87 -14.08 -22.99
C GLY B 31 -3.31 -13.94 -22.52
N LEU B 32 -3.50 -13.15 -21.44
CA LEU B 32 -4.84 -12.91 -20.89
C LEU B 32 -5.71 -12.21 -21.93
N ALA B 33 -6.95 -12.70 -22.00
CA ALA B 33 -8.02 -12.09 -22.78
C ALA B 33 -9.34 -12.35 -22.06
N LEU B 34 -10.37 -11.63 -22.52
CA LEU B 34 -11.75 -11.79 -22.13
C LEU B 34 -12.43 -12.67 -23.18
N ALA B 35 -13.25 -13.61 -22.73
CA ALA B 35 -14.07 -14.48 -23.58
C ALA B 35 -15.46 -14.63 -22.94
N LYS B 36 -16.40 -15.10 -23.73
CA LYS B 36 -17.73 -15.52 -23.28
C LYS B 36 -17.72 -16.82 -22.52
N ILE B 37 -18.63 -16.91 -21.54
CA ILE B 37 -18.79 -18.09 -20.70
C ILE B 37 -20.30 -18.27 -20.57
N GLY B 38 -20.72 -19.51 -20.23
CA GLY B 38 -22.12 -19.90 -20.30
C GLY B 38 -22.81 -19.23 -21.51
N ASN B 39 -23.92 -18.50 -21.28
CA ASN B 39 -24.74 -18.00 -22.40
C ASN B 39 -24.63 -16.48 -22.54
N GLU B 40 -23.64 -15.91 -21.88
CA GLU B 40 -23.60 -14.45 -21.85
C GLU B 40 -23.30 -13.93 -23.24
N ALA B 41 -23.72 -12.70 -23.52
CA ALA B 41 -23.61 -12.17 -24.85
C ALA B 41 -22.38 -11.28 -24.94
N GLU B 42 -21.97 -10.68 -23.80
CA GLU B 42 -20.70 -9.93 -23.61
C GLU B 42 -19.55 -10.83 -23.08
N PRO B 43 -18.27 -10.68 -23.52
CA PRO B 43 -17.18 -11.51 -22.98
C PRO B 43 -16.71 -11.07 -21.58
N ARG B 44 -16.99 -11.85 -20.52
CA ARG B 44 -16.67 -11.38 -19.18
C ARG B 44 -15.70 -12.30 -18.41
N ALA B 45 -15.29 -13.42 -19.00
CA ALA B 45 -14.44 -14.36 -18.30
C ALA B 45 -13.02 -14.14 -18.81
N VAL B 46 -12.02 -14.42 -17.97
CA VAL B 46 -10.63 -14.16 -18.33
C VAL B 46 -10.09 -15.52 -18.79
N VAL B 47 -9.55 -15.57 -20.01
CA VAL B 47 -8.91 -16.79 -20.52
C VAL B 47 -7.43 -16.55 -20.81
N LEU B 48 -6.65 -17.66 -20.85
CA LEU B 48 -5.32 -17.66 -21.43
C LEU B 48 -5.45 -18.04 -22.91
N ASP B 49 -5.20 -17.05 -23.75
CA ASP B 49 -5.52 -17.13 -25.17
C ASP B 49 -4.23 -17.30 -25.99
N PRO B 50 -4.02 -18.45 -26.70
CA PRO B 50 -2.82 -18.63 -27.53
C PRO B 50 -2.64 -17.59 -28.65
N HIS B 51 -3.71 -16.86 -28.98
CA HIS B 51 -3.64 -15.80 -30.01
C HIS B 51 -3.09 -14.46 -29.51
N HIS B 52 -3.16 -14.15 -28.21
CA HIS B 52 -2.68 -12.86 -27.73
C HIS B 52 -1.53 -13.00 -26.74
N ARG B 53 -0.32 -12.50 -27.08
CA ARG B 53 0.77 -12.36 -26.12
C ARG B 53 1.44 -11.00 -26.35
N PRO B 54 1.66 -10.16 -25.34
CA PRO B 54 1.49 -10.57 -23.93
C PRO B 54 0.13 -10.53 -23.24
N GLY B 55 -0.94 -10.14 -23.97
CA GLY B 55 -2.32 -10.14 -23.51
C GLY B 55 -2.70 -8.79 -22.85
N LEU B 56 -3.85 -8.77 -22.18
CA LEU B 56 -4.36 -7.54 -21.56
C LEU B 56 -3.51 -7.24 -20.33
N PRO B 57 -2.97 -6.04 -20.17
CA PRO B 57 -2.18 -5.71 -18.98
C PRO B 57 -3.13 -5.43 -17.81
N VAL B 58 -2.61 -5.65 -16.61
CA VAL B 58 -3.39 -5.51 -15.39
C VAL B 58 -2.68 -4.52 -14.47
N ARG B 59 -3.39 -4.09 -13.41
CA ARG B 59 -2.80 -3.27 -12.36
C ARG B 59 -3.16 -3.95 -11.05
N PHE B 60 -2.29 -3.88 -10.07
CA PHE B 60 -2.47 -4.56 -8.80
C PHE B 60 -2.69 -3.43 -7.80
N GLU B 61 -3.77 -3.47 -7.01
CA GLU B 61 -4.02 -2.32 -6.16
C GLU B 61 -4.32 -2.74 -4.73
N SER B 62 -3.77 -1.95 -3.80
CA SER B 62 -4.01 -2.12 -2.36
C SER B 62 -4.47 -0.76 -1.80
N PRO B 63 -5.39 -0.68 -0.80
CA PRO B 63 -5.72 0.64 -0.25
C PRO B 63 -4.56 1.29 0.49
N LEU B 64 -3.52 0.51 0.94
CA LEU B 64 -2.37 1.01 1.68
C LEU B 64 -1.69 2.15 0.93
N PHE B 65 -1.27 3.20 1.65
CA PHE B 65 -0.56 4.31 0.99
C PHE B 65 0.92 4.05 0.68
N ILE B 66 1.24 2.82 0.24
CA ILE B 66 2.59 2.40 -0.12
C ILE B 66 2.60 2.21 -1.66
N ASN B 67 3.73 2.36 -2.36
N ASN B 67 3.83 2.29 -2.22
CA ASN B 67 3.68 2.18 -3.83
CA ASN B 67 4.15 2.37 -3.64
C ASN B 67 4.47 0.93 -4.24
C ASN B 67 4.60 0.99 -4.18
N ILE B 68 4.58 -0.05 -3.33
CA ILE B 68 5.05 -1.37 -3.69
C ILE B 68 4.00 -2.40 -3.20
N ILE B 69 4.11 -3.67 -3.65
CA ILE B 69 3.11 -4.70 -3.31
C ILE B 69 3.88 -5.82 -2.61
N LYS B 70 3.39 -6.33 -1.47
CA LYS B 70 3.98 -7.53 -0.89
C LYS B 70 3.06 -8.70 -1.14
N GLU B 71 3.63 -9.89 -1.01
CA GLU B 71 2.87 -11.10 -1.32
C GLU B 71 1.79 -11.28 -0.28
N SER B 72 1.94 -10.68 0.90
CA SER B 72 0.91 -10.89 1.93
C SER B 72 -0.28 -9.93 1.74
N TYR B 73 -0.18 -8.94 0.83
CA TYR B 73 -1.26 -7.96 0.74
C TYR B 73 -2.52 -8.54 0.07
N PHE B 74 -3.72 -8.21 0.57
CA PHE B 74 -4.90 -8.39 -0.27
C PHE B 74 -4.93 -7.36 -1.40
N LEU B 75 -5.21 -7.81 -2.64
CA LEU B 75 -5.12 -6.96 -3.86
C LEU B 75 -6.40 -7.06 -4.66
N ASN B 76 -6.82 -5.94 -5.26
CA ASN B 76 -7.67 -5.98 -6.42
C ASN B 76 -6.72 -6.10 -7.62
N ILE B 77 -7.22 -6.78 -8.65
CA ILE B 77 -6.46 -6.95 -9.90
C ILE B 77 -7.39 -6.43 -10.97
N LYS B 78 -6.91 -5.53 -11.87
CA LYS B 78 -7.87 -5.06 -12.84
C LYS B 78 -7.21 -4.76 -14.18
N PHE B 79 -8.01 -4.99 -15.25
CA PHE B 79 -7.65 -4.56 -16.59
C PHE B 79 -7.89 -3.05 -16.70
N GLY B 80 -7.27 -2.38 -17.67
CA GLY B 80 -7.71 -1.01 -17.91
C GLY B 80 -6.90 0.01 -17.13
N PRO B 81 -7.16 1.32 -17.33
CA PRO B 81 -6.36 2.38 -16.70
C PRO B 81 -6.73 2.49 -15.22
N SER B 82 -5.89 3.16 -14.39
CA SER B 82 -6.29 3.30 -12.97
C SER B 82 -7.62 4.03 -12.74
N SER B 83 -7.92 5.05 -13.58
CA SER B 83 -9.14 5.84 -13.46
C SER B 83 -10.41 5.01 -13.71
N SER B 84 -10.31 3.76 -14.22
CA SER B 84 -11.50 2.94 -14.47
C SER B 84 -11.62 1.76 -13.51
N ASP B 85 -12.85 1.56 -13.03
CA ASP B 85 -13.13 0.33 -12.32
C ASP B 85 -14.02 -0.56 -13.16
N SER B 86 -13.94 -0.48 -14.51
CA SER B 86 -14.76 -1.44 -15.22
C SER B 86 -14.09 -2.80 -15.49
N GLY B 87 -12.78 -2.99 -15.21
CA GLY B 87 -12.26 -4.36 -15.50
C GLY B 87 -11.68 -5.08 -14.27
N VAL B 88 -12.34 -4.88 -13.11
CA VAL B 88 -12.01 -5.48 -11.82
C VAL B 88 -12.28 -6.97 -11.77
N TRP B 89 -11.26 -7.75 -11.36
CA TRP B 89 -11.37 -9.20 -11.33
C TRP B 89 -12.17 -9.60 -10.10
N ASP B 90 -13.05 -10.60 -10.28
CA ASP B 90 -13.64 -11.32 -9.17
C ASP B 90 -13.71 -12.80 -9.55
N VAL B 91 -13.97 -13.69 -8.58
CA VAL B 91 -14.13 -15.12 -8.83
C VAL B 91 -15.58 -15.44 -8.53
N ILE B 92 -16.28 -16.04 -9.50
CA ILE B 92 -17.73 -16.18 -9.53
C ILE B 92 -18.06 -17.65 -9.90
N GLN B 93 -18.96 -18.32 -9.17
CA GLN B 93 -19.34 -19.68 -9.50
C GLN B 93 -20.02 -19.69 -10.87
N GLN B 94 -19.52 -20.50 -11.80
CA GLN B 94 -20.21 -20.56 -13.08
C GLN B 94 -20.02 -21.96 -13.67
N ASP B 95 -21.13 -22.66 -13.94
CA ASP B 95 -21.10 -23.98 -14.54
C ASP B 95 -20.88 -23.89 -16.06
N PRO B 96 -20.14 -24.85 -16.65
CA PRO B 96 -19.45 -25.90 -15.90
C PRO B 96 -18.00 -25.58 -15.55
N ILE B 97 -17.56 -24.32 -15.65
CA ILE B 97 -16.15 -23.98 -15.37
C ILE B 97 -15.83 -24.27 -13.90
N GLY B 98 -16.67 -23.79 -12.99
CA GLY B 98 -16.32 -23.88 -11.58
C GLY B 98 -16.27 -22.47 -10.96
N LEU B 99 -15.18 -22.16 -10.24
CA LEU B 99 -15.06 -20.79 -9.74
C LEU B 99 -14.23 -20.00 -10.76
N ALA B 100 -14.92 -19.30 -11.65
CA ALA B 100 -14.26 -18.68 -12.82
C ALA B 100 -13.79 -17.26 -12.46
N VAL B 101 -12.58 -16.88 -12.90
CA VAL B 101 -12.19 -15.46 -12.93
C VAL B 101 -13.07 -14.65 -13.89
N LYS B 102 -13.79 -13.63 -13.37
CA LYS B 102 -14.59 -12.79 -14.26
C LYS B 102 -14.34 -11.32 -13.98
N VAL B 103 -14.69 -10.47 -14.95
CA VAL B 103 -14.51 -9.03 -14.76
C VAL B 103 -15.85 -8.39 -14.37
N THR B 104 -15.78 -7.40 -13.45
CA THR B 104 -16.93 -6.66 -12.89
C THR B 104 -16.65 -5.16 -12.88
N ASP B 105 -17.68 -4.36 -12.54
CA ASP B 105 -17.57 -2.91 -12.69
C ASP B 105 -17.56 -2.29 -11.30
N THR B 106 -17.48 -3.13 -10.26
CA THR B 106 -17.42 -2.65 -8.89
C THR B 106 -16.17 -3.22 -8.19
N LYS B 107 -15.56 -2.44 -7.30
CA LYS B 107 -14.37 -2.80 -6.57
C LYS B 107 -14.66 -2.69 -5.05
N SER B 108 -14.30 -3.68 -4.25
CA SER B 108 -14.28 -3.45 -2.80
C SER B 108 -13.01 -2.71 -2.43
N LEU B 109 -12.98 -2.18 -1.20
CA LEU B 109 -11.82 -1.51 -0.67
C LEU B 109 -10.65 -2.50 -0.64
N LEU B 110 -10.87 -3.75 -0.17
CA LEU B 110 -9.80 -4.73 -0.17
C LEU B 110 -10.20 -5.79 -1.18
N GLY B 111 -9.34 -6.12 -2.16
CA GLY B 111 -9.73 -7.18 -3.08
C GLY B 111 -9.39 -8.55 -2.48
N PRO B 112 -9.78 -9.64 -3.15
CA PRO B 112 -9.57 -10.99 -2.58
C PRO B 112 -8.42 -11.82 -3.10
N PHE B 113 -7.51 -11.16 -3.86
CA PHE B 113 -6.35 -11.83 -4.41
C PHE B 113 -5.09 -11.56 -3.60
N LYS B 114 -4.19 -12.55 -3.63
CA LYS B 114 -2.77 -12.30 -3.34
C LYS B 114 -1.91 -12.84 -4.48
N VAL B 115 -0.70 -12.28 -4.60
CA VAL B 115 0.29 -12.70 -5.58
C VAL B 115 1.41 -13.36 -4.79
N GLU B 116 1.59 -14.69 -4.97
CA GLU B 116 2.50 -15.44 -4.09
C GLU B 116 3.54 -16.20 -4.92
N LYS B 117 4.77 -16.22 -4.41
CA LYS B 117 5.92 -16.78 -5.13
C LYS B 117 5.61 -18.25 -5.39
N GLU B 118 5.99 -18.75 -6.57
CA GLU B 118 5.67 -20.15 -6.89
C GLU B 118 6.58 -20.55 -8.05
N GLY B 119 7.41 -21.58 -7.79
CA GLY B 119 8.29 -22.03 -8.85
C GLY B 119 9.22 -20.90 -9.25
N GLU B 120 9.28 -20.68 -10.55
CA GLU B 120 10.10 -19.57 -11.03
C GLU B 120 9.34 -18.25 -11.04
N GLY B 121 8.05 -18.23 -10.72
CA GLY B 121 7.39 -16.93 -10.79
C GLY B 121 6.38 -16.77 -9.64
N TYR B 122 5.12 -16.46 -9.98
CA TYR B 122 4.09 -16.17 -8.99
C TYR B 122 2.81 -16.83 -9.45
N LYS B 123 2.01 -17.21 -8.46
CA LYS B 123 0.68 -17.65 -8.81
C LYS B 123 -0.31 -16.58 -8.26
N ILE B 124 -1.55 -16.59 -8.79
CA ILE B 124 -2.61 -15.76 -8.27
C ILE B 124 -3.40 -16.66 -7.34
N VAL B 125 -3.69 -16.18 -6.12
CA VAL B 125 -4.43 -16.97 -5.12
C VAL B 125 -5.67 -16.19 -4.72
N TYR B 126 -6.82 -16.85 -4.78
CA TYR B 126 -8.10 -16.27 -4.43
C TYR B 126 -8.45 -16.67 -2.99
N TYR B 127 -8.81 -15.67 -2.14
CA TYR B 127 -9.17 -15.87 -0.72
C TYR B 127 -10.66 -15.59 -0.60
N PRO B 128 -11.53 -16.63 -0.64
CA PRO B 128 -12.96 -16.37 -0.54
C PRO B 128 -13.11 -15.78 0.89
N GLU B 129 -13.92 -14.73 1.01
CA GLU B 129 -14.17 -13.99 2.25
C GLU B 129 -12.92 -13.26 2.77
N ARG B 130 -11.79 -13.28 2.06
CA ARG B 130 -10.56 -12.64 2.52
C ARG B 130 -10.18 -13.31 3.86
N GLY B 131 -10.44 -14.61 4.01
CA GLY B 131 -9.97 -15.34 5.19
C GLY B 131 -8.55 -15.89 5.03
N GLN B 132 -8.24 -17.01 5.72
CA GLN B 132 -6.85 -17.40 5.81
C GLN B 132 -6.54 -18.41 4.70
N THR B 133 -7.56 -19.03 4.16
CA THR B 133 -7.30 -20.14 3.23
C THR B 133 -7.52 -19.71 1.77
N GLY B 134 -6.48 -19.87 0.98
CA GLY B 134 -6.51 -19.42 -0.40
C GLY B 134 -6.60 -20.59 -1.37
N LEU B 135 -7.22 -20.29 -2.51
CA LEU B 135 -7.39 -21.21 -3.62
C LEU B 135 -6.60 -20.70 -4.84
N ASP B 136 -5.67 -21.53 -5.33
CA ASP B 136 -4.87 -21.32 -6.53
C ASP B 136 -5.72 -21.09 -7.76
N ILE B 137 -5.33 -20.07 -8.53
CA ILE B 137 -5.94 -19.85 -9.84
C ILE B 137 -5.09 -20.66 -10.85
N GLY B 138 -5.74 -21.58 -11.57
CA GLY B 138 -5.10 -22.33 -12.65
C GLY B 138 -5.99 -22.25 -13.89
N LEU B 139 -6.07 -23.34 -14.68
CA LEU B 139 -6.79 -23.27 -15.96
C LEU B 139 -7.82 -24.37 -16.02
N VAL B 140 -8.98 -24.00 -16.57
CA VAL B 140 -10.05 -24.98 -16.79
C VAL B 140 -10.37 -25.00 -18.28
N HIS B 141 -10.14 -26.18 -18.93
CA HIS B 141 -10.42 -26.26 -20.37
C HIS B 141 -11.90 -26.57 -20.67
N ARG B 142 -12.62 -25.65 -21.30
CA ARG B 142 -14.02 -25.90 -21.66
C ARG B 142 -14.33 -25.08 -22.91
N ASN B 143 -15.13 -25.66 -23.82
CA ASN B 143 -15.58 -25.00 -25.04
C ASN B 143 -14.45 -24.31 -25.78
N ASP B 144 -13.33 -25.04 -25.96
CA ASP B 144 -12.25 -24.55 -26.81
C ASP B 144 -11.52 -23.36 -26.19
N LYS B 145 -11.63 -23.17 -24.87
CA LYS B 145 -11.02 -22.03 -24.17
C LYS B 145 -10.36 -22.53 -22.89
N TYR B 146 -9.33 -21.81 -22.45
CA TYR B 146 -8.63 -22.15 -21.21
C TYR B 146 -8.95 -21.03 -20.24
N TYR B 147 -9.92 -21.29 -19.35
CA TYR B 147 -10.45 -20.25 -18.45
C TYR B 147 -9.62 -20.22 -17.19
N LEU B 148 -9.27 -18.99 -16.73
CA LEU B 148 -8.68 -18.81 -15.39
C LEU B 148 -9.77 -19.11 -14.39
N ALA B 149 -9.49 -20.03 -13.48
CA ALA B 149 -10.50 -20.46 -12.55
C ALA B 149 -9.80 -21.15 -11.39
N VAL B 150 -10.51 -21.35 -10.28
CA VAL B 150 -9.84 -22.02 -9.18
C VAL B 150 -9.52 -23.46 -9.58
N LYS B 151 -8.29 -23.89 -9.30
CA LYS B 151 -7.77 -25.26 -9.44
C LYS B 151 -6.77 -25.47 -8.34
N ASP B 152 -7.27 -25.72 -7.15
CA ASP B 152 -6.35 -25.60 -6.03
C ASP B 152 -5.27 -26.65 -6.14
N GLY B 153 -4.03 -26.29 -5.83
CA GLY B 153 -2.89 -27.16 -6.04
C GLY B 153 -2.42 -27.21 -7.49
N GLU B 154 -3.11 -26.58 -8.44
CA GLU B 154 -2.60 -26.65 -9.83
C GLU B 154 -2.46 -25.24 -10.42
N PRO B 155 -1.67 -24.33 -9.80
CA PRO B 155 -1.66 -22.93 -10.22
C PRO B 155 -1.07 -22.73 -11.61
N CYS B 156 -1.58 -21.76 -12.37
CA CYS B 156 -0.85 -21.27 -13.55
C CYS B 156 0.20 -20.30 -13.02
N VAL B 157 1.48 -20.50 -13.34
CA VAL B 157 2.58 -19.69 -12.80
C VAL B 157 2.90 -18.57 -13.78
N PHE B 158 3.06 -17.33 -13.28
CA PHE B 158 3.29 -16.19 -14.19
C PHE B 158 4.55 -15.45 -13.79
N LYS B 159 5.11 -14.70 -14.71
CA LYS B 159 6.08 -13.70 -14.35
C LYS B 159 5.46 -12.37 -14.74
N ILE B 160 5.99 -11.28 -14.17
CA ILE B 160 5.19 -10.07 -14.24
C ILE B 160 5.99 -9.05 -15.03
N ARG B 161 5.51 -8.67 -16.24
CA ARG B 161 6.36 -7.83 -17.08
C ARG B 161 5.78 -6.43 -17.13
N LYS B 162 6.60 -5.44 -16.76
CA LYS B 162 6.03 -4.10 -16.81
C LYS B 162 5.60 -3.76 -18.24
N ALA B 163 4.43 -3.10 -18.40
CA ALA B 163 3.85 -2.92 -19.73
C ALA B 163 4.32 -1.61 -20.40
N THR B 164 5.64 -1.43 -20.46
CA THR B 164 6.21 -0.26 -21.15
C THR B 164 6.24 -0.38 -22.70
N ASP B 165 5.67 -1.44 -23.30
CA ASP B 165 5.70 -1.59 -24.78
C ASP B 165 4.55 -0.77 -25.39
N GLU B 166 3.79 -0.14 -24.49
CA GLU B 166 2.63 0.71 -24.77
C GLU B 166 2.83 2.11 -24.16
O1 2PE C . 9.90 24.54 13.62
C2 2PE C . 11.01 23.68 13.72
C3 2PE C . 10.58 22.28 13.99
O4 2PE C . 10.44 22.06 15.39
C5 2PE C . 11.37 21.12 15.92
C6 2PE C . 11.04 20.76 17.34
O7 2PE C . 11.69 21.67 18.23
C8 2PE C . 11.20 21.61 19.56
C9 2PE C . 10.96 23.00 20.04
O10 2PE C . 12.12 23.79 19.82
C11 2PE C . 12.06 24.68 18.71
C12 2PE C . 12.77 25.94 19.05
O13 2PE C . 12.60 26.89 18.00
O1 2PE D . -15.71 13.76 5.22
C2 2PE D . -14.98 14.41 4.19
C3 2PE D . -15.26 15.87 4.17
O4 2PE D . -14.92 16.45 5.41
O1 2PE E . -13.25 -4.62 1.54
C2 2PE E . -13.13 -6.02 1.36
C3 2PE E . -14.00 -6.84 2.24
O4 2PE E . -13.22 -7.64 3.13
C5 2PE E . -13.34 -7.19 4.47
C6 2PE E . -13.14 -8.30 5.43
O7 2PE E . -13.92 -8.05 6.61
C8 2PE E . -15.29 -7.80 6.32
C9 2PE E . -16.17 -8.41 7.38
O10 2PE E . -17.38 -8.89 6.78
C11 2PE E . -17.47 -10.31 6.79
C12 2PE E . -18.72 -10.78 6.10
O13 2PE E . -18.46 -11.96 5.34
C14 2PE E . -18.43 -13.15 6.13
C15 2PE E . -17.17 -13.19 6.95
O16 2PE E . -16.55 -14.45 6.82
CL CL F . 10.34 -11.13 -19.94
CL CL G . -27.05 -20.54 -16.83
#